data_3MJN
#
_entry.id   3MJN
#
_cell.length_a   63.107
_cell.length_b   50.248
_cell.length_c   65.654
_cell.angle_alpha   90.00
_cell.angle_beta   107.82
_cell.angle_gamma   90.00
#
_symmetry.space_group_name_H-M   'P 1 21 1'
#
loop_
_entity.id
_entity.type
_entity.pdbx_description
1 polymer Lactotransferrin
2 branched beta-D-mannopyranose-(1-4)-2-acetamido-2-deoxy-beta-D-glucopyranose-(1-4)-2-acetamido-2-deoxy-beta-D-glucopyranose
3 branched 2-acetamido-2-deoxy-beta-D-glucopyranose-(1-4)-2-acetamido-2-deoxy-beta-D-glucopyranose
4 non-polymer 'FE (III) ION'
5 non-polymer 'CARBONATE ION'
6 non-polymer 'ZINC ION'
7 non-polymer 'SULFATE ION'
8 non-polymer (1E,2R)-1-(ISOPROPYLIMINO)-3-(1-NAPHTHYLOXY)PROPAN-2-OL
9 water water
#
_entity_poly.entity_id   1
_entity_poly.type   'polypeptide(L)'
_entity_poly.pdbx_seq_one_letter_code
;YTRVVWCAVGPEEQKKCQQWSQQSGQNVTCATASTTDDCIVLVLKGEADALNLDGGYIYTAGKCGLVPVLAENRKSSKHS
SLDCVLRPTEGYLAVAVVKKANEGLTWNSLKDKKSCHTAVDRTAGWNIPMGLIVNQTGSCAFDEFFSQSCAPGADPKSRL
CALCAGDDQGLDKCVPNSKEKYYGYTGAFRCLAEDVGDVAFVKNDTVWENTNGESTADWAKNLKREDFRLLCLDGTRKPV
TEAQSCHLAVAPNHAVVSRSDRAAHVEQVLLHQQALFGKNGKNCPDKFCLFKSETKNLLFNDNTECLAKLGGRPTYEEYL
GTEYVTAIANLKKCSTSPLLEACAF
;
_entity_poly.pdbx_strand_id   A
#
# COMPACT_ATOMS: atom_id res chain seq x y z
N TYR A 1 22.59 13.82 12.79
CA TYR A 1 21.48 14.25 13.70
C TYR A 1 20.78 15.50 13.16
N THR A 2 19.44 15.42 13.14
CA THR A 2 18.55 16.42 12.55
C THR A 2 18.40 16.26 11.01
N ARG A 3 19.27 15.45 10.40
CA ARG A 3 19.22 15.14 8.97
C ARG A 3 18.86 13.66 8.67
N VAL A 4 17.76 13.47 7.94
CA VAL A 4 17.22 12.14 7.63
C VAL A 4 17.28 11.88 6.12
N VAL A 5 17.80 10.73 5.73
CA VAL A 5 17.77 10.34 4.32
C VAL A 5 16.54 9.46 4.05
N TRP A 6 15.63 9.95 3.22
CA TRP A 6 14.42 9.20 2.88
C TRP A 6 14.66 8.29 1.68
N CYS A 7 14.11 7.06 1.71
CA CYS A 7 14.26 6.21 0.55
C CYS A 7 13.04 6.21 -0.35
N ALA A 8 13.21 6.75 -1.56
CA ALA A 8 12.16 6.81 -2.58
C ALA A 8 12.18 5.59 -3.50
N VAL A 9 10.99 5.04 -3.77
CA VAL A 9 10.88 3.86 -4.65
C VAL A 9 10.48 4.30 -6.06
N GLY A 10 11.41 4.28 -6.98
CA GLY A 10 11.11 4.65 -8.35
C GLY A 10 11.28 6.15 -8.59
N PRO A 11 11.30 6.54 -9.87
CA PRO A 11 11.56 7.92 -10.28
C PRO A 11 10.55 8.94 -9.79
N GLU A 12 9.26 8.61 -9.82
CA GLU A 12 8.23 9.60 -9.40
C GLU A 12 8.28 9.89 -7.92
N GLU A 13 8.63 8.88 -7.12
CA GLU A 13 8.83 9.13 -5.68
C GLU A 13 10.09 9.93 -5.47
N GLN A 14 11.09 9.72 -6.32
CA GLN A 14 12.33 10.49 -6.27
C GLN A 14 12.06 11.97 -6.51
N LYS A 15 11.34 12.27 -7.59
CA LYS A 15 10.91 13.63 -7.88
C LYS A 15 10.13 14.25 -6.72
N LYS A 16 9.15 13.55 -6.16
CA LYS A 16 8.46 14.09 -4.99
C LYS A 16 9.43 14.34 -3.84
N CYS A 17 10.31 13.39 -3.58
CA CYS A 17 11.26 13.50 -2.49
C CYS A 17 12.21 14.69 -2.68
N GLN A 18 12.72 14.88 -3.91
CA GLN A 18 13.64 15.98 -4.19
C GLN A 18 13.05 17.34 -3.85
N GLN A 19 11.77 17.50 -4.16
CA GLN A 19 11.00 18.70 -3.87
C GLN A 19 10.86 18.96 -2.38
N TRP A 20 10.46 17.91 -1.65
CA TRP A 20 10.42 17.90 -0.19
C TRP A 20 11.80 18.18 0.38
N SER A 21 12.82 17.57 -0.21
CA SER A 21 14.21 17.83 0.20
C SER A 21 14.56 19.32 0.06
N GLN A 22 14.24 19.89 -1.09
CA GLN A 22 14.40 21.32 -1.36
C GLN A 22 13.68 22.24 -0.36
N GLN A 23 12.39 22.01 -0.14
CA GLN A 23 11.58 22.73 0.83
C GLN A 23 11.96 22.52 2.31
N SER A 24 12.62 21.42 2.62
CA SER A 24 13.06 21.13 4.00
C SER A 24 14.40 21.79 4.36
N GLY A 25 15.05 22.40 3.36
CA GLY A 25 16.37 23.01 3.53
C GLY A 25 17.40 21.94 3.76
N GLN A 26 17.18 20.79 3.12
CA GLN A 26 18.07 19.61 3.20
C GLN A 26 18.06 18.97 4.57
N ASN A 27 17.05 19.28 5.39
CA ASN A 27 16.81 18.52 6.62
C ASN A 27 16.39 17.07 6.30
N VAL A 28 15.81 16.89 5.12
CA VAL A 28 15.56 15.59 4.56
C VAL A 28 16.26 15.52 3.22
N THR A 29 16.95 14.42 2.97
CA THR A 29 17.48 14.14 1.63
C THR A 29 16.96 12.80 1.13
N CYS A 30 17.36 12.44 -0.08
CA CYS A 30 16.75 11.34 -0.83
C CYS A 30 17.73 10.32 -1.36
N ALA A 31 17.41 9.07 -1.11
CA ALA A 31 18.02 7.92 -1.77
C ALA A 31 16.90 7.32 -2.62
N THR A 32 17.25 6.71 -3.75
CA THR A 32 16.26 6.07 -4.62
C THR A 32 16.63 4.63 -4.92
N ALA A 33 15.64 3.74 -4.92
CA ALA A 33 15.86 2.37 -5.36
C ALA A 33 14.73 1.98 -6.32
N SER A 34 14.89 0.89 -7.04
CA SER A 34 13.85 0.44 -7.98
C SER A 34 12.73 -0.31 -7.30
N THR A 35 13.00 -0.87 -6.13
CA THR A 35 12.01 -1.67 -5.42
C THR A 35 12.07 -1.33 -3.95
N THR A 36 11.02 -1.70 -3.23
CA THR A 36 10.88 -1.44 -1.82
C THR A 36 11.89 -2.27 -1.04
N ASP A 37 12.04 -3.53 -1.42
CA ASP A 37 13.11 -4.40 -0.92
C ASP A 37 14.51 -3.80 -1.00
N ASP A 38 14.84 -3.17 -2.13
CA ASP A 38 16.09 -2.44 -2.27
C ASP A 38 16.19 -1.26 -1.32
N CYS A 39 15.09 -0.55 -1.12
CA CYS A 39 15.06 0.50 -0.12
C CYS A 39 15.30 -0.04 1.29
N ILE A 40 14.74 -1.22 1.58
CA ILE A 40 14.96 -1.88 2.87
C ILE A 40 16.43 -2.21 3.07
N VAL A 41 17.07 -2.74 2.03
CA VAL A 41 18.50 -3.00 2.02
C VAL A 41 19.32 -1.71 2.25
N LEU A 42 18.96 -0.60 1.57
CA LEU A 42 19.67 0.65 1.82
C LEU A 42 19.59 1.07 3.29
N VAL A 43 18.45 0.84 3.94
CA VAL A 43 18.27 1.22 5.35
C VAL A 43 19.12 0.33 6.27
N LEU A 44 19.12 -0.96 6.01
CA LEU A 44 19.96 -1.91 6.75
C LEU A 44 21.43 -1.55 6.69
N LYS A 45 21.89 -1.14 5.51
CA LYS A 45 23.27 -0.73 5.30
C LYS A 45 23.57 0.61 5.99
N GLY A 46 22.52 1.38 6.27
CA GLY A 46 22.66 2.69 6.89
C GLY A 46 22.85 3.80 5.88
N GLU A 47 22.57 3.51 4.61
CA GLU A 47 22.66 4.51 3.54
C GLU A 47 21.36 5.32 3.34
N ALA A 48 20.24 4.84 3.89
CA ALA A 48 19.01 5.63 3.98
C ALA A 48 18.53 5.41 5.41
N ASP A 49 17.69 6.31 5.93
CA ASP A 49 17.12 6.13 7.28
C ASP A 49 15.73 5.55 7.33
N ALA A 50 14.86 5.91 6.39
CA ALA A 50 13.42 5.68 6.57
C ALA A 50 12.70 5.65 5.25
N LEU A 51 11.57 4.95 5.25
CA LEU A 51 10.54 4.98 4.21
C LEU A 51 9.26 4.49 4.87
N ASN A 52 8.14 4.82 4.23
CA ASN A 52 6.84 4.45 4.68
C ASN A 52 6.49 3.16 3.96
N LEU A 53 6.03 2.16 4.70
CA LEU A 53 5.81 0.82 4.14
C LEU A 53 4.43 0.28 4.39
N ASP A 54 3.94 -0.49 3.43
CA ASP A 54 2.79 -1.34 3.62
C ASP A 54 3.14 -2.45 4.64
N GLY A 55 2.14 -2.93 5.36
CA GLY A 55 2.31 -3.95 6.38
C GLY A 55 3.00 -5.22 5.93
N GLY A 56 2.75 -5.66 4.69
CA GLY A 56 3.46 -6.81 4.13
C GLY A 56 4.97 -6.62 4.14
N TYR A 57 5.42 -5.41 3.81
CA TYR A 57 6.84 -5.08 3.82
C TYR A 57 7.37 -4.77 5.23
N ILE A 58 6.48 -4.34 6.14
CA ILE A 58 6.87 -4.08 7.53
C ILE A 58 7.28 -5.41 8.14
N TYR A 59 6.69 -6.49 7.63
CA TYR A 59 7.02 -7.84 8.06
C TYR A 59 8.39 -8.28 7.57
N THR A 60 8.69 -8.04 6.29
CA THR A 60 10.02 -8.21 5.71
C THR A 60 11.07 -7.44 6.49
N ALA A 61 10.83 -6.13 6.65
CA ALA A 61 11.74 -5.25 7.33
C ALA A 61 11.98 -5.64 8.78
N GLY A 62 10.93 -6.19 9.41
CA GLY A 62 10.95 -6.43 10.83
C GLY A 62 11.81 -7.61 11.17
N LYS A 63 11.83 -8.60 10.27
CA LYS A 63 12.68 -9.78 10.43
C LYS A 63 14.15 -9.41 10.26
N CYS A 64 14.39 -8.31 9.59
CA CYS A 64 15.73 -7.74 9.38
C CYS A 64 16.06 -6.72 10.46
N GLY A 65 15.17 -6.57 11.43
CA GLY A 65 15.44 -5.73 12.59
C GLY A 65 15.03 -4.28 12.49
N LEU A 66 14.28 -3.91 11.45
CA LEU A 66 13.76 -2.55 11.32
C LEU A 66 12.51 -2.39 12.17
N VAL A 67 12.23 -1.15 12.58
CA VAL A 67 11.14 -0.92 13.52
C VAL A 67 10.13 0.11 13.03
N PRO A 68 8.85 -0.09 13.36
CA PRO A 68 7.82 0.92 13.15
C PRO A 68 8.07 2.15 14.03
N VAL A 69 8.00 3.33 13.43
CA VAL A 69 8.33 4.59 14.10
C VAL A 69 7.09 5.48 14.27
N LEU A 70 6.31 5.61 13.21
CA LEU A 70 5.12 6.46 13.14
C LEU A 70 4.20 5.81 12.11
N ALA A 71 2.88 5.90 12.33
CA ALA A 71 1.94 5.30 11.40
C ALA A 71 1.13 6.36 10.64
N GLU A 72 0.76 6.05 9.40
CA GLU A 72 -0.23 6.85 8.70
C GLU A 72 -1.55 6.82 9.47
N ASN A 73 -2.15 7.99 9.65
CA ASN A 73 -3.45 8.10 10.29
C ASN A 73 -4.37 8.85 9.35
N ARG A 74 -5.51 8.26 9.00
CA ARG A 74 -6.46 8.93 8.10
C ARG A 74 -7.66 9.52 8.86
N LYS A 75 -8.55 10.18 8.11
CA LYS A 75 -9.84 10.71 8.63
C LYS A 75 -10.66 9.77 9.54
N SER A 76 -11.08 10.30 10.69
CA SER A 76 -11.87 9.54 11.67
C SER A 76 -13.13 10.26 12.14
N SER A 77 -14.15 9.46 12.45
CA SER A 77 -15.39 9.96 13.06
C SER A 77 -15.38 9.72 14.58
N LYS A 78 -14.89 8.55 14.99
CA LYS A 78 -14.59 8.25 16.40
C LYS A 78 -13.25 8.88 16.77
N HIS A 79 -12.98 9.01 18.08
CA HIS A 79 -11.71 9.55 18.60
C HIS A 79 -11.44 11.01 18.17
N SER A 80 -12.39 11.60 17.43
CA SER A 80 -12.26 12.93 16.82
C SER A 80 -11.83 14.06 17.77
N SER A 81 -12.13 13.90 19.06
CA SER A 81 -11.70 14.84 20.10
C SER A 81 -10.17 14.93 20.14
N LEU A 82 -9.51 13.77 20.03
CA LEU A 82 -8.06 13.63 20.14
C LEU A 82 -7.29 14.19 18.95
N ASP A 83 -6.11 14.74 19.24
CA ASP A 83 -5.19 15.18 18.20
C ASP A 83 -4.73 13.98 17.39
N CYS A 84 -4.69 14.18 16.08
CA CYS A 84 -4.31 13.15 15.12
C CYS A 84 -3.02 12.36 15.46
N VAL A 85 -1.98 13.08 15.87
CA VAL A 85 -0.68 12.46 16.19
C VAL A 85 -0.76 11.49 17.39
N LEU A 86 -1.76 11.69 18.26
CA LEU A 86 -1.94 10.87 19.47
C LEU A 86 -3.09 9.87 19.34
N ARG A 87 -3.94 10.08 18.33
CA ARG A 87 -5.07 9.21 18.04
C ARG A 87 -4.60 7.83 17.57
N PRO A 88 -5.19 6.76 18.12
CA PRO A 88 -4.83 5.40 17.64
C PRO A 88 -5.19 5.24 16.17
N THR A 89 -4.42 4.44 15.45
CA THR A 89 -4.72 4.12 14.06
C THR A 89 -5.84 3.05 13.98
N GLU A 90 -6.71 3.17 12.98
CA GLU A 90 -7.88 2.29 12.89
C GLU A 90 -7.67 1.04 12.02
N GLY A 91 -6.83 1.11 11.00
CA GLY A 91 -6.62 -0.02 10.11
C GLY A 91 -7.51 0.17 8.90
N TYR A 92 -7.11 -0.31 7.73
CA TYR A 92 -7.94 -0.14 6.55
C TYR A 92 -8.57 -1.48 6.16
N LEU A 93 -9.57 -1.42 5.30
CA LEU A 93 -10.30 -2.64 4.94
C LEU A 93 -9.79 -3.17 3.61
N ALA A 94 -9.36 -4.42 3.61
CA ALA A 94 -8.95 -5.07 2.39
C ALA A 94 -10.22 -5.60 1.70
N VAL A 95 -10.45 -5.19 0.46
CA VAL A 95 -11.66 -5.61 -0.29
C VAL A 95 -11.31 -6.25 -1.64
N ALA A 96 -12.22 -7.07 -2.16
CA ALA A 96 -12.15 -7.55 -3.54
C ALA A 96 -13.25 -6.83 -4.33
N VAL A 97 -12.86 -6.12 -5.39
CA VAL A 97 -13.77 -5.27 -6.16
C VAL A 97 -13.96 -5.84 -7.56
N VAL A 98 -15.21 -5.83 -8.03
CA VAL A 98 -15.57 -6.25 -9.39
C VAL A 98 -16.48 -5.21 -10.05
N LYS A 99 -16.66 -5.37 -11.35
CA LYS A 99 -17.59 -4.52 -12.08
C LYS A 99 -18.99 -5.09 -11.88
N LYS A 100 -19.96 -4.23 -11.62
CA LYS A 100 -21.37 -4.64 -11.52
C LYS A 100 -21.83 -5.45 -12.75
N ALA A 101 -21.46 -4.96 -13.94
CA ALA A 101 -21.85 -5.56 -15.22
C ALA A 101 -21.38 -6.98 -15.35
N ASN A 102 -20.41 -7.35 -14.52
CA ASN A 102 -19.85 -8.68 -14.50
C ASN A 102 -20.67 -9.54 -13.54
N GLU A 103 -21.91 -9.81 -13.92
CA GLU A 103 -22.88 -10.47 -13.06
C GLU A 103 -22.47 -11.89 -12.76
N GLY A 104 -22.82 -12.37 -11.57
CA GLY A 104 -22.51 -13.76 -11.23
C GLY A 104 -21.04 -14.11 -11.01
N LEU A 105 -20.18 -13.09 -10.94
CA LEU A 105 -18.84 -13.29 -10.43
C LEU A 105 -18.89 -13.09 -8.91
N THR A 106 -18.52 -14.14 -8.18
CA THR A 106 -18.52 -14.10 -6.71
C THR A 106 -17.16 -14.55 -6.22
N TRP A 107 -16.96 -14.52 -4.90
CA TRP A 107 -15.75 -15.06 -4.31
C TRP A 107 -15.52 -16.50 -4.74
N ASN A 108 -16.60 -17.26 -4.84
CA ASN A 108 -16.57 -18.68 -5.21
C ASN A 108 -16.40 -18.99 -6.70
N SER A 109 -16.28 -17.99 -7.55
CA SER A 109 -16.08 -18.25 -8.98
C SER A 109 -14.87 -17.48 -9.55
N LEU A 110 -13.91 -17.18 -8.68
CA LEU A 110 -12.72 -16.41 -9.08
C LEU A 110 -11.71 -17.23 -9.86
N LYS A 111 -11.74 -18.55 -9.68
CA LYS A 111 -10.82 -19.45 -10.37
C LYS A 111 -10.88 -19.24 -11.87
N ASP A 112 -9.70 -19.05 -12.48
CA ASP A 112 -9.56 -18.80 -13.93
C ASP A 112 -9.97 -17.40 -14.39
N LYS A 113 -10.22 -16.51 -13.45
CA LYS A 113 -10.49 -15.14 -13.82
C LYS A 113 -9.17 -14.35 -13.92
N LYS A 114 -9.28 -13.10 -14.35
CA LYS A 114 -8.13 -12.21 -14.49
C LYS A 114 -8.08 -11.31 -13.26
N SER A 115 -6.90 -11.18 -12.63
CA SER A 115 -6.79 -10.43 -11.37
C SER A 115 -5.80 -9.28 -11.41
N CYS A 116 -6.06 -8.30 -10.55
CA CYS A 116 -5.26 -7.08 -10.40
C CYS A 116 -4.81 -6.92 -8.96
N HIS A 117 -3.50 -6.97 -8.71
CA HIS A 117 -2.94 -6.89 -7.36
C HIS A 117 -2.11 -5.64 -7.23
N THR A 118 -2.08 -5.04 -6.05
CA THR A 118 -1.27 -3.84 -5.83
C THR A 118 0.20 -4.11 -6.12
N ALA A 119 0.68 -5.25 -5.63
CA ALA A 119 2.07 -5.73 -5.78
C ALA A 119 2.15 -6.99 -4.96
N VAL A 120 3.04 -7.89 -5.38
CA VAL A 120 3.40 -9.06 -4.57
C VAL A 120 3.89 -8.58 -3.18
N ASP A 121 3.49 -9.31 -2.13
CA ASP A 121 3.92 -9.04 -0.75
C ASP A 121 3.21 -7.91 -0.02
N ARG A 122 2.25 -7.27 -0.66
CA ARG A 122 1.47 -6.22 -0.02
C ARG A 122 0.21 -6.77 0.68
N THR A 123 -0.28 -6.07 1.70
CA THR A 123 -1.41 -6.58 2.50
C THR A 123 -2.71 -6.83 1.73
N ALA A 124 -3.31 -5.77 1.20
CA ALA A 124 -4.59 -5.89 0.50
C ALA A 124 -4.42 -6.57 -0.86
N GLY A 125 -3.31 -6.29 -1.54
CA GLY A 125 -3.16 -6.72 -2.91
C GLY A 125 -2.71 -8.16 -3.05
N TRP A 126 -2.05 -8.67 -2.02
CA TRP A 126 -1.45 -9.99 -2.10
C TRP A 126 -1.64 -10.92 -0.88
N ASN A 127 -1.10 -10.52 0.27
CA ASN A 127 -1.06 -11.41 1.44
C ASN A 127 -2.40 -11.92 1.90
N ILE A 128 -3.38 -11.02 1.98
CA ILE A 128 -4.74 -11.37 2.39
C ILE A 128 -5.44 -12.23 1.32
N PRO A 129 -5.65 -11.70 0.10
CA PRO A 129 -6.42 -12.52 -0.84
C PRO A 129 -5.78 -13.88 -1.16
N MET A 130 -4.46 -13.94 -1.35
CA MET A 130 -3.77 -15.20 -1.70
C MET A 130 -3.58 -16.14 -0.53
N GLY A 131 -3.53 -15.57 0.68
CA GLY A 131 -3.58 -16.36 1.91
C GLY A 131 -4.92 -17.05 2.08
N LEU A 132 -6.01 -16.30 1.84
CA LEU A 132 -7.34 -16.90 1.83
C LEU A 132 -7.43 -18.01 0.79
N ILE A 133 -6.89 -17.75 -0.41
CA ILE A 133 -7.02 -18.68 -1.52
C ILE A 133 -6.19 -19.94 -1.33
N VAL A 134 -4.96 -19.79 -0.85
CA VAL A 134 -4.16 -20.97 -0.51
C VAL A 134 -4.89 -21.82 0.56
N ASN A 135 -5.42 -21.17 1.60
CA ASN A 135 -6.18 -21.87 2.63
C ASN A 135 -7.37 -22.62 2.06
N GLN A 136 -8.17 -21.92 1.26
CA GLN A 136 -9.40 -22.47 0.68
C GLN A 136 -9.19 -23.61 -0.30
N THR A 137 -8.10 -23.57 -1.06
CA THR A 137 -7.81 -24.60 -2.06
C THR A 137 -6.90 -25.72 -1.53
N GLY A 138 -6.35 -25.53 -0.34
CA GLY A 138 -5.30 -26.41 0.21
C GLY A 138 -4.18 -26.68 -0.79
N SER A 139 -3.74 -25.63 -1.47
CA SER A 139 -2.71 -25.75 -2.50
C SER A 139 -1.86 -24.49 -2.50
N CYS A 140 -0.54 -24.68 -2.66
CA CYS A 140 0.41 -23.55 -2.76
C CYS A 140 0.58 -23.05 -4.18
N ALA A 141 -0.19 -23.61 -5.10
CA ALA A 141 -0.11 -23.20 -6.48
C ALA A 141 -1.00 -21.96 -6.71
N PHE A 142 -0.62 -20.84 -6.08
CA PHE A 142 -1.34 -19.57 -6.27
C PHE A 142 -0.94 -18.89 -7.59
N ASP A 143 0.05 -19.47 -8.28
CA ASP A 143 0.44 -19.01 -9.61
C ASP A 143 -0.49 -19.53 -10.70
N GLU A 144 -1.32 -20.51 -10.36
CA GLU A 144 -2.21 -21.16 -11.32
C GLU A 144 -3.69 -20.95 -11.02
N PHE A 145 -4.01 -20.19 -9.96
CA PHE A 145 -5.40 -19.92 -9.63
C PHE A 145 -6.09 -19.01 -10.65
N PHE A 146 -5.50 -17.86 -10.93
CA PHE A 146 -6.05 -16.94 -11.92
C PHE A 146 -5.48 -17.25 -13.29
N SER A 147 -6.23 -16.97 -14.34
CA SER A 147 -5.72 -17.27 -15.67
C SER A 147 -4.57 -16.32 -15.98
N GLN A 148 -4.77 -15.04 -15.68
CA GLN A 148 -3.78 -14.00 -15.88
C GLN A 148 -3.95 -12.95 -14.80
N SER A 149 -2.85 -12.27 -14.46
CA SER A 149 -2.86 -11.26 -13.44
C SER A 149 -1.91 -10.13 -13.84
N CYS A 150 -2.09 -8.98 -13.21
CA CYS A 150 -0.99 -8.08 -13.04
C CYS A 150 -0.66 -8.10 -11.54
N ALA A 151 0.43 -8.74 -11.17
CA ALA A 151 0.90 -8.73 -9.77
C ALA A 151 2.33 -8.18 -9.78
N PRO A 152 2.48 -6.85 -9.68
CA PRO A 152 3.83 -6.28 -9.81
C PRO A 152 4.85 -6.85 -8.82
N GLY A 153 6.00 -7.27 -9.34
CA GLY A 153 7.01 -7.94 -8.52
C GLY A 153 7.12 -9.45 -8.73
N ALA A 154 6.19 -10.04 -9.49
CA ALA A 154 6.27 -11.45 -9.90
C ALA A 154 7.15 -11.61 -11.17
N ASP A 155 7.40 -12.82 -11.64
CA ASP A 155 8.30 -13.05 -12.79
C ASP A 155 7.66 -12.43 -14.03
N PRO A 156 8.33 -11.43 -14.66
CA PRO A 156 7.68 -10.67 -15.76
C PRO A 156 7.19 -11.55 -16.92
N LYS A 157 7.67 -12.79 -16.97
CA LYS A 157 7.28 -13.68 -18.04
C LYS A 157 6.37 -14.83 -17.59
N SER A 158 5.98 -14.83 -16.32
CA SER A 158 4.86 -15.63 -15.83
C SER A 158 3.49 -14.93 -16.06
N ARG A 159 2.42 -15.71 -15.89
CA ARG A 159 1.05 -15.22 -16.08
C ARG A 159 0.59 -14.24 -15.01
N LEU A 160 1.26 -14.27 -13.86
CA LEU A 160 1.13 -13.26 -12.82
C LEU A 160 1.54 -11.85 -13.26
N CYS A 161 2.26 -11.73 -14.39
CA CYS A 161 2.61 -10.42 -14.97
C CYS A 161 1.96 -10.15 -16.35
N ALA A 162 1.17 -11.10 -16.84
CA ALA A 162 0.60 -11.00 -18.20
C ALA A 162 -0.24 -9.73 -18.42
N LEU A 163 -0.90 -9.25 -17.38
CA LEU A 163 -1.79 -8.10 -17.52
C LEU A 163 -1.11 -6.77 -17.21
N CYS A 164 0.13 -6.80 -16.70
CA CYS A 164 0.88 -5.56 -16.45
C CYS A 164 1.33 -4.91 -17.77
N ALA A 165 1.45 -3.59 -17.75
CA ALA A 165 1.62 -2.84 -18.98
C ALA A 165 2.93 -2.06 -19.09
N GLY A 166 3.66 -1.90 -17.98
CA GLY A 166 4.87 -1.10 -18.02
C GLY A 166 4.55 0.38 -18.06
N ASP A 167 5.50 1.16 -18.56
CA ASP A 167 5.45 2.61 -18.51
C ASP A 167 4.96 3.15 -19.84
N ASP A 168 5.08 4.46 -20.04
CA ASP A 168 4.78 5.14 -21.31
C ASP A 168 5.17 4.37 -22.56
N GLN A 169 6.25 3.61 -22.46
CA GLN A 169 6.90 2.94 -23.59
C GLN A 169 6.84 1.44 -23.58
N GLY A 170 6.19 0.84 -22.59
CA GLY A 170 6.18 -0.63 -22.48
C GLY A 170 7.41 -1.19 -21.77
N LEU A 171 8.28 -0.30 -21.30
CA LEU A 171 9.42 -0.74 -20.51
C LEU A 171 8.95 -0.94 -19.08
N ASP A 172 9.71 -1.72 -18.31
CA ASP A 172 9.49 -1.85 -16.88
C ASP A 172 8.23 -2.63 -16.51
N LYS A 173 7.82 -3.52 -17.40
CA LYS A 173 6.62 -4.31 -17.21
C LYS A 173 6.72 -5.12 -15.92
N CYS A 174 5.78 -4.85 -15.01
CA CYS A 174 5.63 -5.65 -13.80
C CYS A 174 6.60 -5.24 -12.67
N VAL A 175 7.31 -4.13 -12.82
CA VAL A 175 8.13 -3.62 -11.73
C VAL A 175 7.25 -3.15 -10.60
N PRO A 176 7.64 -3.46 -9.35
CA PRO A 176 6.86 -3.00 -8.21
C PRO A 176 7.27 -1.58 -7.80
N ASN A 177 7.07 -0.65 -8.73
CA ASN A 177 7.08 0.78 -8.48
C ASN A 177 6.10 1.44 -9.46
N SER A 178 5.88 2.74 -9.31
CA SER A 178 4.81 3.42 -9.99
C SER A 178 5.04 3.66 -11.48
N LYS A 179 6.22 3.33 -11.98
CA LYS A 179 6.41 3.24 -13.43
C LYS A 179 5.50 2.19 -14.07
N GLU A 180 5.21 1.10 -13.37
CA GLU A 180 4.19 0.14 -13.78
C GLU A 180 2.79 0.81 -13.71
N LYS A 181 2.09 0.84 -14.84
CA LYS A 181 0.77 1.45 -14.99
C LYS A 181 -0.21 0.98 -13.90
N TYR A 182 -0.22 -0.33 -13.67
CA TYR A 182 -1.14 -1.00 -12.77
C TYR A 182 -0.56 -1.35 -11.40
N TYR A 183 0.49 -0.64 -10.99
CA TYR A 183 1.09 -0.77 -9.65
C TYR A 183 0.30 -0.08 -8.53
N GLY A 184 0.30 -0.68 -7.35
CA GLY A 184 -0.28 -0.01 -6.18
C GLY A 184 -1.80 0.01 -6.16
N TYR A 185 -2.36 0.66 -5.15
CA TYR A 185 -3.81 0.77 -5.00
C TYR A 185 -4.49 1.33 -6.24
N THR A 186 -3.94 2.41 -6.77
CA THR A 186 -4.53 3.14 -7.88
C THR A 186 -4.38 2.38 -9.20
N GLY A 187 -3.20 1.78 -9.40
CA GLY A 187 -2.91 0.98 -10.58
C GLY A 187 -3.78 -0.26 -10.68
N ALA A 188 -3.88 -1.01 -9.58
CA ALA A 188 -4.76 -2.19 -9.49
C ALA A 188 -6.23 -1.84 -9.69
N PHE A 189 -6.69 -0.73 -9.14
CA PHE A 189 -8.06 -0.35 -9.38
C PHE A 189 -8.26 0.06 -10.85
N ARG A 190 -7.29 0.76 -11.43
CA ARG A 190 -7.28 1.09 -12.88
C ARG A 190 -7.31 -0.13 -13.78
N CYS A 191 -6.56 -1.16 -13.39
CA CYS A 191 -6.53 -2.45 -14.08
C CYS A 191 -7.97 -2.99 -14.17
N LEU A 192 -8.73 -2.83 -13.09
CA LEU A 192 -10.11 -3.29 -13.10
C LEU A 192 -11.00 -2.31 -13.91
N ALA A 193 -10.83 -1.02 -13.68
CA ALA A 193 -11.65 -0.01 -14.33
C ALA A 193 -11.56 -0.05 -15.85
N GLU A 194 -10.43 -0.50 -16.38
CA GLU A 194 -10.21 -0.56 -17.81
C GLU A 194 -10.55 -1.94 -18.34
N ASP A 195 -10.98 -2.82 -17.44
CA ASP A 195 -11.41 -4.17 -17.79
C ASP A 195 -10.29 -5.02 -18.29
N VAL A 196 -9.07 -4.71 -17.84
CA VAL A 196 -7.95 -5.61 -18.05
C VAL A 196 -8.15 -6.80 -17.12
N GLY A 197 -8.53 -6.54 -15.87
CA GLY A 197 -8.80 -7.64 -14.97
C GLY A 197 -10.25 -7.73 -14.59
N ASP A 198 -10.62 -8.87 -13.99
CA ASP A 198 -11.98 -9.11 -13.52
C ASP A 198 -12.22 -8.68 -12.08
N VAL A 199 -11.14 -8.72 -11.31
CA VAL A 199 -11.15 -8.36 -9.90
C VAL A 199 -9.88 -7.59 -9.53
N ALA A 200 -10.02 -6.61 -8.64
CA ALA A 200 -8.90 -5.88 -8.08
C ALA A 200 -8.91 -6.09 -6.58
N PHE A 201 -7.73 -6.31 -6.02
CA PHE A 201 -7.56 -6.46 -4.61
C PHE A 201 -6.87 -5.21 -4.10
N VAL A 202 -7.69 -4.36 -3.48
CA VAL A 202 -7.30 -3.03 -3.06
C VAL A 202 -7.87 -2.83 -1.65
N LYS A 203 -7.98 -1.59 -1.23
CA LYS A 203 -8.55 -1.28 0.06
C LYS A 203 -9.81 -0.46 -0.19
N ASN A 204 -10.68 -0.36 0.83
CA ASN A 204 -11.97 0.33 0.68
C ASN A 204 -11.85 1.74 0.10
N ASP A 205 -10.89 2.50 0.63
CA ASP A 205 -10.69 3.89 0.28
C ASP A 205 -10.45 4.13 -1.22
N THR A 206 -9.75 3.20 -1.86
CA THR A 206 -9.37 3.33 -3.27
C THR A 206 -10.56 3.50 -4.20
N VAL A 207 -11.61 2.68 -4.02
CA VAL A 207 -12.87 2.80 -4.76
C VAL A 207 -13.49 4.21 -4.63
N TRP A 208 -13.65 4.70 -3.41
CA TRP A 208 -14.17 6.04 -3.15
C TRP A 208 -13.30 7.15 -3.74
N GLU A 209 -11.98 7.00 -3.69
CA GLU A 209 -11.08 8.09 -4.07
C GLU A 209 -10.96 8.24 -5.58
N ASN A 210 -11.39 7.22 -6.31
CA ASN A 210 -11.26 7.23 -7.77
C ASN A 210 -12.58 7.13 -8.52
N THR A 211 -13.67 7.43 -7.84
CA THR A 211 -15.00 7.35 -8.45
C THR A 211 -15.81 8.60 -8.13
N ASN A 212 -16.86 8.83 -8.94
CA ASN A 212 -17.82 9.93 -8.77
C ASN A 212 -17.14 11.29 -8.72
N GLY A 213 -16.21 11.52 -9.65
CA GLY A 213 -15.50 12.79 -9.73
C GLY A 213 -14.35 13.07 -8.76
N GLU A 214 -14.08 12.15 -7.84
CA GLU A 214 -13.04 12.35 -6.82
C GLU A 214 -11.62 12.36 -7.39
N SER A 215 -11.42 11.81 -8.58
CA SER A 215 -10.07 11.69 -9.14
C SER A 215 -9.70 12.74 -10.22
N THR A 216 -10.55 12.90 -11.24
CA THR A 216 -10.23 13.79 -12.40
C THR A 216 -9.11 13.28 -13.36
N ALA A 217 -8.39 12.23 -12.96
CA ALA A 217 -7.52 11.50 -13.89
C ALA A 217 -8.38 10.88 -15.00
N ASP A 218 -7.88 10.90 -16.22
CA ASP A 218 -8.69 10.60 -17.42
C ASP A 218 -9.36 9.22 -17.42
N TRP A 219 -8.70 8.23 -16.81
CA TRP A 219 -9.27 6.87 -16.73
C TRP A 219 -10.36 6.83 -15.67
N ALA A 220 -10.30 7.75 -14.70
CA ALA A 220 -11.19 7.74 -13.53
C ALA A 220 -12.32 8.80 -13.51
N LYS A 221 -12.24 9.77 -14.43
CA LYS A 221 -13.23 10.86 -14.61
C LYS A 221 -14.68 10.39 -14.60
N ASN A 222 -14.95 9.36 -15.39
CA ASN A 222 -16.31 8.88 -15.60
C ASN A 222 -16.67 7.67 -14.77
N LEU A 223 -15.83 7.30 -13.81
CA LEU A 223 -16.13 6.13 -12.99
C LEU A 223 -17.21 6.43 -11.94
N LYS A 224 -18.13 5.48 -11.80
CA LYS A 224 -19.29 5.61 -10.93
C LYS A 224 -19.26 4.50 -9.87
N ARG A 225 -19.41 4.86 -8.59
CA ARG A 225 -19.49 3.86 -7.48
C ARG A 225 -20.49 2.72 -7.70
N GLU A 226 -21.65 3.05 -8.28
CA GLU A 226 -22.69 2.05 -8.51
C GLU A 226 -22.29 1.00 -9.53
N ASP A 227 -21.27 1.30 -10.34
CA ASP A 227 -20.78 0.34 -11.33
C ASP A 227 -19.82 -0.71 -10.78
N PHE A 228 -19.58 -0.69 -9.47
CA PHE A 228 -18.68 -1.64 -8.81
C PHE A 228 -19.38 -2.39 -7.71
N ARG A 229 -18.95 -3.63 -7.48
CA ARG A 229 -19.41 -4.41 -6.33
C ARG A 229 -18.23 -4.96 -5.55
N LEU A 230 -18.40 -5.06 -4.24
CA LEU A 230 -17.48 -5.81 -3.38
C LEU A 230 -17.84 -7.27 -3.34
N LEU A 231 -16.82 -8.13 -3.34
CA LEU A 231 -17.01 -9.58 -3.15
C LEU A 231 -16.80 -9.95 -1.68
N CYS A 232 -17.85 -10.48 -1.04
CA CYS A 232 -17.74 -10.88 0.35
C CYS A 232 -17.37 -12.33 0.41
N LEU A 233 -16.85 -12.75 1.55
CA LEU A 233 -16.43 -14.13 1.70
C LEU A 233 -17.60 -15.14 1.77
N ASP A 234 -18.80 -14.68 2.11
CA ASP A 234 -19.97 -15.59 2.09
C ASP A 234 -20.54 -15.91 0.69
N GLY A 235 -19.86 -15.51 -0.39
CA GLY A 235 -20.38 -15.69 -1.75
C GLY A 235 -21.31 -14.59 -2.23
N THR A 236 -21.52 -13.57 -1.41
CA THR A 236 -22.40 -12.47 -1.75
C THR A 236 -21.66 -11.36 -2.52
N ARG A 237 -22.42 -10.42 -3.08
CA ARG A 237 -21.87 -9.21 -3.69
C ARG A 237 -22.59 -8.04 -3.08
N LYS A 238 -21.87 -7.00 -2.71
CA LYS A 238 -22.49 -5.85 -2.09
C LYS A 238 -22.03 -4.55 -2.72
N PRO A 239 -22.84 -3.48 -2.58
CA PRO A 239 -22.36 -2.15 -2.94
C PRO A 239 -21.14 -1.73 -2.10
N VAL A 240 -20.40 -0.78 -2.62
CA VAL A 240 -19.15 -0.40 -2.02
C VAL A 240 -19.37 0.40 -0.74
N THR A 241 -20.62 0.77 -0.49
CA THR A 241 -21.02 1.37 0.79
C THR A 241 -21.04 0.37 1.94
N GLU A 242 -20.98 -0.94 1.63
CA GLU A 242 -21.11 -2.01 2.64
C GLU A 242 -19.78 -2.64 3.02
N ALA A 243 -18.70 -1.89 2.92
CA ALA A 243 -17.38 -2.40 3.26
C ALA A 243 -17.25 -2.90 4.70
N GLN A 244 -17.95 -2.28 5.65
CA GLN A 244 -17.94 -2.71 7.06
C GLN A 244 -18.31 -4.17 7.22
N SER A 245 -19.14 -4.67 6.32
CA SER A 245 -19.67 -6.04 6.41
C SER A 245 -19.28 -6.91 5.23
N CYS A 246 -18.55 -6.33 4.27
CA CYS A 246 -18.09 -7.09 3.11
C CYS A 246 -16.59 -6.81 2.77
N HIS A 247 -15.70 -7.25 3.65
CA HIS A 247 -14.26 -7.12 3.42
C HIS A 247 -13.55 -8.43 3.70
N LEU A 248 -12.33 -8.58 3.19
CA LEU A 248 -11.53 -9.78 3.38
C LEU A 248 -10.79 -9.78 4.72
N ALA A 249 -10.38 -8.60 5.17
CA ALA A 249 -9.69 -8.44 6.45
C ALA A 249 -9.54 -6.97 6.75
N VAL A 250 -9.12 -6.68 7.99
CA VAL A 250 -8.69 -5.34 8.42
C VAL A 250 -7.16 -5.31 8.39
N ALA A 251 -6.60 -4.30 7.74
CA ALA A 251 -5.16 -4.23 7.51
C ALA A 251 -4.52 -3.17 8.40
N PRO A 252 -3.36 -3.49 9.00
CA PRO A 252 -2.64 -2.46 9.74
C PRO A 252 -2.15 -1.37 8.80
N ASN A 253 -2.29 -0.13 9.26
CA ASN A 253 -1.84 1.01 8.48
C ASN A 253 -0.39 0.93 8.02
N HIS A 254 -0.14 1.58 6.90
CA HIS A 254 1.20 1.84 6.45
C HIS A 254 1.92 2.64 7.51
N ALA A 255 3.19 2.31 7.71
CA ALA A 255 3.99 2.98 8.75
C ALA A 255 5.40 3.26 8.25
N VAL A 256 5.98 4.32 8.80
CA VAL A 256 7.40 4.63 8.62
C VAL A 256 8.20 3.63 9.47
N VAL A 257 9.24 3.06 8.83
CA VAL A 257 10.19 2.16 9.49
C VAL A 257 11.59 2.72 9.37
N SER A 258 12.39 2.41 10.39
CA SER A 258 13.77 2.77 10.39
C SER A 258 14.51 1.66 11.12
N ARG A 259 15.83 1.68 11.02
CA ARG A 259 16.67 0.89 11.89
C ARG A 259 16.46 1.35 13.32
N SER A 260 16.36 0.40 14.23
CA SER A 260 16.02 0.72 15.61
C SER A 260 16.94 1.75 16.25
N ASP A 261 18.21 1.74 15.86
CA ASP A 261 19.19 2.75 16.35
C ASP A 261 18.97 4.19 15.82
N ARG A 262 18.10 4.33 14.82
CA ARG A 262 17.85 5.64 14.20
C ARG A 262 16.44 6.15 14.50
N ALA A 263 15.62 5.26 15.08
CA ALA A 263 14.19 5.49 15.26
C ALA A 263 13.85 6.82 15.92
N ALA A 264 14.51 7.12 17.04
CA ALA A 264 14.19 8.30 17.84
C ALA A 264 14.45 9.56 17.06
N HIS A 265 15.54 9.51 16.31
CA HIS A 265 15.99 10.64 15.53
C HIS A 265 15.07 10.87 14.33
N VAL A 266 14.71 9.79 13.65
CA VAL A 266 13.76 9.81 12.53
C VAL A 266 12.38 10.35 12.99
N GLU A 267 11.93 9.88 14.15
CA GLU A 267 10.67 10.31 14.73
C GLU A 267 10.62 11.82 14.97
N GLN A 268 11.63 12.35 15.65
CA GLN A 268 11.76 13.80 15.89
C GLN A 268 11.69 14.65 14.60
N VAL A 269 12.52 14.33 13.62
CA VAL A 269 12.52 15.07 12.37
C VAL A 269 11.14 15.04 11.70
N LEU A 270 10.51 13.86 11.66
CA LEU A 270 9.28 13.70 10.91
C LEU A 270 8.09 14.43 11.51
N LEU A 271 8.03 14.47 12.84
CA LEU A 271 7.02 15.25 13.56
C LEU A 271 7.11 16.73 13.24
N HIS A 272 8.34 17.24 13.17
CA HIS A 272 8.60 18.63 12.77
C HIS A 272 8.32 18.85 11.29
N GLN A 273 8.67 17.88 10.46
CA GLN A 273 8.36 17.94 9.02
C GLN A 273 6.86 18.03 8.70
N GLN A 274 6.02 17.38 9.51
CA GLN A 274 4.60 17.40 9.25
C GLN A 274 3.92 18.63 9.85
N ALA A 275 4.51 19.20 10.91
CA ALA A 275 4.10 20.51 11.37
C ALA A 275 4.18 21.54 10.21
N LEU A 276 5.16 21.37 9.33
CA LEU A 276 5.41 22.28 8.22
C LEU A 276 4.65 21.91 6.95
N PHE A 277 4.62 20.63 6.60
CA PHE A 277 4.08 20.19 5.29
C PHE A 277 2.91 19.22 5.38
N GLY A 278 2.44 18.92 6.58
CA GLY A 278 1.27 18.07 6.77
C GLY A 278 -0.04 18.79 6.47
N LYS A 279 -1.16 18.21 6.93
CA LYS A 279 -2.51 18.66 6.54
C LYS A 279 -2.80 20.13 6.84
N ASN A 280 -2.41 20.61 8.02
CA ASN A 280 -2.55 22.05 8.30
C ASN A 280 -1.20 22.71 8.49
N GLY A 281 -0.19 22.15 7.85
CA GLY A 281 1.16 22.64 7.98
C GLY A 281 1.27 24.10 7.62
N LYS A 282 2.17 24.77 8.32
CA LYS A 282 2.59 26.14 8.04
C LYS A 282 2.72 26.36 6.54
N ASN A 283 3.24 25.37 5.83
CA ASN A 283 3.69 25.57 4.46
C ASN A 283 2.98 24.75 3.42
N CYS A 284 2.00 23.96 3.85
CA CYS A 284 1.49 22.93 2.99
C CYS A 284 0.83 23.52 1.77
N PRO A 285 -0.39 24.07 1.92
CA PRO A 285 -1.09 24.32 0.65
C PRO A 285 -0.22 25.19 -0.26
N ASP A 286 0.57 26.06 0.38
CA ASP A 286 1.28 27.18 -0.26
C ASP A 286 2.56 26.76 -0.98
N LYS A 287 3.46 26.10 -0.25
CA LYS A 287 4.74 25.72 -0.82
C LYS A 287 4.80 24.22 -1.15
N PHE A 288 4.55 23.37 -0.15
CA PHE A 288 4.64 21.93 -0.35
C PHE A 288 3.74 21.17 0.62
N CYS A 289 3.04 20.16 0.10
CA CYS A 289 2.24 19.27 0.93
C CYS A 289 2.80 17.85 0.84
N LEU A 290 3.31 17.36 1.96
CA LEU A 290 3.78 15.99 2.10
C LEU A 290 2.79 14.91 1.63
N PHE A 291 1.50 15.13 1.89
CA PHE A 291 0.51 14.08 1.72
C PHE A 291 -0.35 14.26 0.47
N LYS A 292 0.13 15.05 -0.50
CA LYS A 292 -0.50 15.16 -1.81
C LYS A 292 0.43 14.70 -2.92
N SER A 293 -0.18 14.12 -3.95
CA SER A 293 0.48 13.73 -5.20
C SER A 293 -0.56 13.33 -6.25
N GLU A 294 -1.59 14.16 -6.43
CA GLU A 294 -2.63 13.90 -7.45
C GLU A 294 -2.98 12.40 -7.61
N THR A 295 -3.48 11.79 -6.53
CA THR A 295 -4.02 10.39 -6.53
C THR A 295 -2.98 9.24 -6.63
N LYS A 296 -1.70 9.60 -6.67
CA LYS A 296 -0.63 8.67 -6.99
C LYS A 296 -0.04 7.96 -5.78
N ASN A 297 -0.39 8.43 -4.58
CA ASN A 297 0.11 7.86 -3.31
C ASN A 297 1.63 7.72 -3.25
N LEU A 298 2.34 8.82 -3.54
CA LEU A 298 3.80 8.83 -3.62
C LEU A 298 4.37 9.11 -2.25
N LEU A 299 5.23 8.23 -1.77
CA LEU A 299 5.82 8.26 -0.40
C LEU A 299 4.82 7.99 0.73
N PHE A 300 3.67 8.65 0.67
CA PHE A 300 2.56 8.44 1.61
C PHE A 300 1.27 8.33 0.81
N ASN A 301 0.28 7.67 1.38
CA ASN A 301 -1.07 7.67 0.84
C ASN A 301 -1.62 9.09 0.87
N ASP A 302 -2.27 9.47 -0.21
CA ASP A 302 -2.89 10.79 -0.32
C ASP A 302 -3.95 11.10 0.73
N ASN A 303 -4.57 10.07 1.31
CA ASN A 303 -5.57 10.30 2.37
C ASN A 303 -5.00 10.42 3.81
N THR A 304 -3.68 10.47 3.94
CA THR A 304 -3.07 10.62 5.26
C THR A 304 -3.37 12.00 5.84
N GLU A 305 -4.00 12.01 7.00
CA GLU A 305 -4.24 13.24 7.73
C GLU A 305 -2.96 13.59 8.47
N CYS A 306 -2.31 12.58 9.05
CA CYS A 306 -1.07 12.80 9.79
C CYS A 306 -0.37 11.48 10.05
N LEU A 307 0.87 11.58 10.49
CA LEU A 307 1.61 10.44 11.04
C LEU A 307 1.47 10.40 12.57
N ALA A 308 0.99 9.27 13.08
CA ALA A 308 0.65 9.12 14.48
C ALA A 308 1.77 8.46 15.28
N LYS A 309 2.01 8.94 16.49
CA LYS A 309 2.91 8.25 17.44
C LYS A 309 2.31 6.90 17.74
N LEU A 310 3.15 5.91 18.05
CA LEU A 310 2.63 4.56 18.22
C LEU A 310 2.21 4.29 19.66
N GLY A 311 3.13 4.37 20.60
CA GLY A 311 2.68 4.25 22.01
C GLY A 311 2.31 2.84 22.36
N GLY A 312 3.02 2.30 23.35
CA GLY A 312 3.04 0.88 23.64
C GLY A 312 4.35 0.39 23.07
N ARG A 313 5.16 1.35 22.64
CA ARG A 313 6.39 1.15 21.86
C ARG A 313 6.47 -0.22 21.20
N PRO A 314 5.58 -0.46 20.22
CA PRO A 314 5.35 -1.81 19.71
C PRO A 314 6.49 -2.33 18.85
N THR A 315 6.74 -3.63 18.95
CA THR A 315 7.60 -4.29 17.98
C THR A 315 6.81 -4.37 16.66
N TYR A 316 7.44 -4.85 15.58
CA TYR A 316 6.75 -4.93 14.31
C TYR A 316 5.65 -6.01 14.40
N GLU A 317 5.86 -7.02 15.26
CA GLU A 317 4.92 -8.13 15.43
C GLU A 317 3.67 -7.72 16.16
N GLU A 318 3.85 -6.88 17.17
CA GLU A 318 2.73 -6.25 17.87
C GLU A 318 2.06 -5.18 17.03
N TYR A 319 2.83 -4.48 16.20
CA TYR A 319 2.24 -3.51 15.29
C TYR A 319 1.36 -4.23 14.25
N LEU A 320 1.87 -5.27 13.61
CA LEU A 320 1.08 -6.00 12.63
C LEU A 320 -0.09 -6.81 13.28
N GLY A 321 0.13 -7.29 14.50
CA GLY A 321 -0.83 -8.12 15.22
C GLY A 321 -0.61 -9.58 14.92
N THR A 322 -0.88 -10.44 15.90
CA THR A 322 -0.65 -11.91 15.78
C THR A 322 -1.47 -12.54 14.66
N GLU A 323 -2.72 -12.10 14.56
CA GLU A 323 -3.65 -12.41 13.48
C GLU A 323 -2.99 -12.26 12.11
N TYR A 324 -2.45 -11.06 11.83
CA TYR A 324 -1.81 -10.82 10.55
C TYR A 324 -0.45 -11.54 10.35
N VAL A 325 0.38 -11.58 11.40
CA VAL A 325 1.69 -12.23 11.32
C VAL A 325 1.57 -13.74 11.01
N THR A 326 0.59 -14.41 11.61
CA THR A 326 0.41 -15.84 11.37
C THR A 326 -0.10 -16.10 9.95
N ALA A 327 -0.99 -15.24 9.47
CA ALA A 327 -1.42 -15.29 8.06
C ALA A 327 -0.22 -15.28 7.09
N ILE A 328 0.66 -14.29 7.22
CA ILE A 328 1.86 -14.16 6.38
C ILE A 328 2.81 -15.34 6.51
N ALA A 329 3.07 -15.76 7.75
CA ALA A 329 3.90 -16.93 8.02
C ALA A 329 3.38 -18.15 7.24
N ASN A 330 2.10 -18.47 7.43
CA ASN A 330 1.43 -19.54 6.70
C ASN A 330 1.55 -19.45 5.17
N LEU A 331 1.38 -18.24 4.63
CA LEU A 331 1.52 -18.01 3.18
C LEU A 331 2.97 -18.16 2.70
N LYS A 332 3.92 -17.67 3.49
CA LYS A 332 5.36 -17.71 3.14
C LYS A 332 5.88 -19.14 3.11
N LYS A 333 5.21 -20.04 3.81
CA LYS A 333 5.43 -21.48 3.70
C LYS A 333 5.36 -21.99 2.26
N CYS A 334 4.56 -21.34 1.41
CA CYS A 334 4.41 -21.75 0.03
C CYS A 334 5.57 -21.35 -0.89
N SER A 335 6.29 -20.29 -0.53
CA SER A 335 7.34 -19.72 -1.38
C SER A 335 8.74 -20.19 -1.01
N LEU A 340 11.77 -21.73 10.11
CA LEU A 340 10.81 -20.88 9.42
C LEU A 340 10.93 -19.39 9.84
N GLU A 341 12.18 -18.92 10.00
CA GLU A 341 12.47 -17.52 10.40
C GLU A 341 13.88 -17.07 9.97
N ALA A 342 13.96 -15.85 9.42
CA ALA A 342 15.23 -15.18 9.07
C ALA A 342 14.99 -13.85 8.35
N CYS A 343 16.00 -12.99 8.37
CA CYS A 343 16.05 -11.85 7.45
C CYS A 343 16.41 -12.37 6.05
N ALA A 344 15.70 -11.87 5.03
CA ALA A 344 15.77 -12.36 3.66
C ALA A 344 17.07 -12.00 2.93
N PHE A 345 17.84 -11.06 3.47
CA PHE A 345 19.05 -10.55 2.81
C PHE A 345 20.33 -10.86 3.60
#